data_8CTU
#
_entry.id   8CTU
#
_cell.length_a   68.914
_cell.length_b   68.914
_cell.length_c   90.324
_cell.angle_alpha   90.000
_cell.angle_beta   90.000
_cell.angle_gamma   90.000
#
_symmetry.space_group_name_H-M   'I 4'
#
loop_
_entity.id
_entity.type
_entity.pdbx_description
1 polymer 'Potassium channel protein'
2 branched alpha-D-glucopyranose-(1-4)-alpha-D-glucopyranose
3 non-polymer (4S)-2-METHYL-2,4-PENTANEDIOL
4 non-polymer 'POTASSIUM ION'
5 non-polymer beta-D-galactopyranose
6 water water
#
_entity_poly.entity_id   1
_entity_poly.type   'polypeptide(L)'
_entity_poly.pdbx_seq_one_letter_code
;AKDKEFQVLFVLTILTLISGTIFYSTVEGLRPIDALYFSVVTLTTVGYGDFSPQTDFGKIFTILYIFIGIGLVFGFIHKL
AVNVQLPSILSNLVPR
;
_entity_poly.pdbx_strand_id   A,B
#
# COMPACT_ATOMS: atom_id res chain seq x y z
N LYS A 2 -13.70 -40.69 15.15
N LYS A 2 -13.72 -40.75 15.12
CA LYS A 2 -12.73 -40.29 14.14
CA LYS A 2 -12.74 -40.31 14.13
C LYS A 2 -13.37 -39.36 13.13
C LYS A 2 -13.38 -39.36 13.14
N ASP A 3 -14.66 -39.59 12.84
CA ASP A 3 -15.42 -38.62 12.05
C ASP A 3 -15.83 -37.44 12.93
N LYS A 4 -15.95 -37.65 14.24
CA LYS A 4 -16.17 -36.55 15.17
C LYS A 4 -14.88 -35.80 15.45
N GLU A 5 -13.76 -36.52 15.53
CA GLU A 5 -12.46 -35.86 15.47
C GLU A 5 -12.42 -34.88 14.32
N PHE A 6 -12.75 -35.36 13.13
CA PHE A 6 -12.64 -34.53 11.93
C PHE A 6 -13.61 -33.35 11.97
N GLN A 7 -14.85 -33.60 12.37
CA GLN A 7 -15.83 -32.52 12.43
C GLN A 7 -15.37 -31.41 13.36
N VAL A 8 -14.82 -31.75 14.52
CA VAL A 8 -14.43 -30.72 15.48
C VAL A 8 -13.28 -29.90 14.92
N LEU A 9 -12.26 -30.57 14.36
CA LEU A 9 -11.13 -29.84 13.81
C LEU A 9 -11.56 -29.00 12.61
N PHE A 10 -12.49 -29.52 11.83
CA PHE A 10 -13.01 -28.73 10.70
C PHE A 10 -13.65 -27.44 11.20
N VAL A 11 -14.52 -27.55 12.20
CA VAL A 11 -15.19 -26.36 12.73
C VAL A 11 -14.18 -25.40 13.32
N LEU A 12 -13.21 -25.91 14.09
CA LEU A 12 -12.20 -25.04 14.68
C LEU A 12 -11.36 -24.35 13.61
N THR A 13 -11.03 -25.06 12.53
CA THR A 13 -10.27 -24.43 11.45
C THR A 13 -11.06 -23.31 10.80
N ILE A 14 -12.36 -23.54 10.55
N ILE A 14 -12.36 -23.53 10.56
CA ILE A 14 -13.19 -22.50 9.96
CA ILE A 14 -13.21 -22.49 9.99
C ILE A 14 -13.24 -21.28 10.88
C ILE A 14 -13.19 -21.26 10.89
N LEU A 15 -13.42 -21.51 12.18
N LEU A 15 -13.45 -21.46 12.18
CA LEU A 15 -13.50 -20.38 13.10
CA LEU A 15 -13.50 -20.32 13.10
C LEU A 15 -12.20 -19.60 13.12
C LEU A 15 -12.17 -19.58 13.15
N THR A 16 -11.06 -20.31 13.10
CA THR A 16 -9.75 -19.65 13.09
C THR A 16 -9.59 -18.80 11.84
N LEU A 17 -10.03 -19.31 10.69
CA LEU A 17 -9.89 -18.56 9.45
C LEU A 17 -10.85 -17.37 9.41
N ILE A 18 -12.03 -17.52 9.99
CA ILE A 18 -12.95 -16.38 10.09
C ILE A 18 -12.35 -15.27 10.94
N SER A 19 -11.72 -15.64 12.05
N SER A 19 -11.67 -15.65 12.03
CA SER A 19 -11.08 -14.65 12.89
CA SER A 19 -11.09 -14.65 12.92
C SER A 19 -10.07 -13.84 12.09
C SER A 19 -9.98 -13.87 12.23
N GLY A 20 -9.15 -14.52 11.40
N GLY A 20 -9.21 -14.53 11.37
CA GLY A 20 -8.16 -13.81 10.60
CA GLY A 20 -8.19 -13.80 10.62
C GLY A 20 -8.80 -12.95 9.52
C GLY A 20 -8.79 -12.96 9.50
N THR A 21 -9.84 -13.48 8.87
CA THR A 21 -10.51 -12.72 7.81
C THR A 21 -11.06 -11.40 8.37
N ILE A 22 -11.71 -11.46 9.53
CA ILE A 22 -12.27 -10.22 10.09
C ILE A 22 -11.16 -9.28 10.52
N PHE A 23 -10.09 -9.80 11.14
CA PHE A 23 -9.03 -8.91 11.60
C PHE A 23 -8.35 -8.21 10.43
N TYR A 24 -7.88 -8.98 9.45
CA TYR A 24 -7.08 -8.36 8.39
C TYR A 24 -7.92 -7.46 7.48
N SER A 25 -9.21 -7.78 7.32
N SER A 25 -9.21 -7.76 7.33
N SER A 25 -9.20 -7.77 7.32
CA SER A 25 -10.08 -6.93 6.50
CA SER A 25 -10.06 -6.85 6.58
CA SER A 25 -10.08 -6.89 6.54
C SER A 25 -10.49 -5.67 7.23
C SER A 25 -10.20 -5.51 7.32
C SER A 25 -10.21 -5.55 7.23
N THR A 26 -10.33 -5.61 8.56
N THR A 26 -10.37 -5.55 8.64
CA THR A 26 -10.64 -4.40 9.31
CA THR A 26 -10.69 -4.33 9.36
C THR A 26 -9.39 -3.54 9.52
C THR A 26 -9.45 -3.49 9.68
N VAL A 27 -8.38 -4.11 10.17
CA VAL A 27 -7.17 -3.37 10.54
C VAL A 27 -6.23 -3.15 9.36
N GLU A 28 -6.07 -4.11 8.46
CA GLU A 28 -5.14 -3.97 7.36
C GLU A 28 -5.82 -3.56 6.06
N GLY A 29 -7.14 -3.42 6.07
CA GLY A 29 -7.85 -2.87 4.93
C GLY A 29 -8.00 -3.80 3.76
N LEU A 30 -7.81 -5.11 3.94
CA LEU A 30 -7.90 -6.02 2.81
C LEU A 30 -9.36 -6.32 2.48
N ARG A 31 -9.60 -6.58 1.20
CA ARG A 31 -10.88 -7.17 0.83
C ARG A 31 -11.07 -8.48 1.60
N PRO A 32 -12.30 -8.82 1.97
CA PRO A 32 -12.50 -10.08 2.71
C PRO A 32 -11.90 -11.30 2.03
N ILE A 33 -12.03 -11.44 0.70
CA ILE A 33 -11.48 -12.63 0.06
C ILE A 33 -9.95 -12.63 0.19
N ASP A 34 -9.33 -11.47 0.07
CA ASP A 34 -7.87 -11.39 0.24
C ASP A 34 -7.47 -11.67 1.68
N ALA A 35 -8.27 -11.23 2.64
CA ALA A 35 -7.96 -11.52 4.03
C ALA A 35 -8.05 -12.99 4.34
N LEU A 36 -9.04 -13.69 3.76
CA LEU A 36 -9.14 -15.12 3.93
C LEU A 36 -7.94 -15.84 3.28
N TYR A 37 -7.66 -15.50 2.03
CA TYR A 37 -6.52 -16.05 1.32
C TYR A 37 -5.23 -15.83 2.09
N PHE A 38 -5.03 -14.61 2.59
CA PHE A 38 -3.82 -14.33 3.36
C PHE A 38 -3.75 -15.15 4.64
N SER A 39 -4.89 -15.28 5.33
CA SER A 39 -4.90 -16.09 6.55
C SER A 39 -4.51 -17.53 6.26
N VAL A 40 -5.02 -18.11 5.18
CA VAL A 40 -4.66 -19.47 4.82
C VAL A 40 -3.19 -19.57 4.46
N VAL A 41 -2.70 -18.64 3.64
CA VAL A 41 -1.31 -18.65 3.17
C VAL A 41 -0.36 -18.51 4.35
N THR A 42 -0.81 -17.80 5.38
CA THR A 42 -0.02 -17.64 6.59
C THR A 42 -0.01 -18.89 7.44
N LEU A 43 -1.18 -19.44 7.78
CA LEU A 43 -1.22 -20.54 8.72
C LEU A 43 -0.71 -21.85 8.14
N THR A 44 -0.74 -22.03 6.83
CA THR A 44 -0.13 -23.21 6.21
C THR A 44 1.36 -23.03 5.98
N THR A 45 1.90 -21.85 6.35
CA THR A 45 3.32 -21.47 6.31
C THR A 45 3.85 -21.30 4.88
N VAL A 46 2.98 -21.13 3.90
CA VAL A 46 3.43 -20.86 2.53
C VAL A 46 4.07 -19.47 2.44
N GLY A 47 3.35 -18.45 2.87
CA GLY A 47 3.90 -17.11 3.00
C GLY A 47 4.40 -16.46 1.74
N TYR A 48 3.55 -16.32 0.72
CA TYR A 48 4.02 -15.69 -0.52
C TYR A 48 4.56 -14.29 -0.29
N GLY A 49 3.90 -13.53 0.59
CA GLY A 49 4.25 -12.15 0.79
C GLY A 49 3.63 -11.17 -0.19
N ASP A 50 2.71 -11.63 -1.04
CA ASP A 50 1.95 -10.71 -1.87
C ASP A 50 1.06 -9.82 -1.01
N PHE A 51 0.62 -10.33 0.13
CA PHE A 51 0.04 -9.56 1.22
C PHE A 51 0.90 -9.80 2.45
N SER A 52 1.07 -8.76 3.26
CA SER A 52 1.74 -8.84 4.55
C SER A 52 1.27 -7.65 5.37
N PRO A 53 1.27 -7.77 6.70
CA PRO A 53 0.76 -6.67 7.53
C PRO A 53 1.68 -5.47 7.48
N GLN A 54 1.07 -4.29 7.40
CA GLN A 54 1.80 -3.04 7.37
C GLN A 54 1.72 -2.25 8.66
N THR A 55 0.75 -2.51 9.52
CA THR A 55 0.60 -1.78 10.78
C THR A 55 1.26 -2.58 11.90
N ASP A 56 1.63 -1.88 12.98
CA ASP A 56 2.21 -2.59 14.12
C ASP A 56 1.20 -3.49 14.78
N PHE A 57 -0.06 -3.03 14.92
N PHE A 57 -0.08 -3.07 14.88
CA PHE A 57 -1.13 -3.89 15.40
CA PHE A 57 -1.13 -3.97 15.34
C PHE A 57 -1.22 -5.17 14.59
C PHE A 57 -1.15 -5.24 14.51
N GLY A 58 -1.12 -5.05 13.25
N GLY A 58 -1.12 -5.08 13.18
CA GLY A 58 -1.19 -6.22 12.39
CA GLY A 58 -1.17 -6.22 12.30
C GLY A 58 -0.01 -7.15 12.58
C GLY A 58 0.01 -7.16 12.48
N LYS A 59 1.20 -6.60 12.71
CA LYS A 59 2.37 -7.45 12.94
C LYS A 59 2.26 -8.19 14.27
N ILE A 60 1.79 -7.52 15.32
CA ILE A 60 1.64 -8.16 16.61
C ILE A 60 0.59 -9.26 16.55
N PHE A 61 -0.58 -8.96 15.97
CA PHE A 61 -1.62 -9.98 15.81
C PHE A 61 -1.08 -11.18 15.04
N THR A 62 -0.31 -10.92 13.96
CA THR A 62 0.17 -12.03 13.13
C THR A 62 1.09 -12.96 13.91
N ILE A 63 1.94 -12.41 14.76
CA ILE A 63 2.79 -13.24 15.63
C ILE A 63 1.93 -14.20 16.44
N LEU A 64 0.91 -13.67 17.12
CA LEU A 64 0.08 -14.50 17.98
C LEU A 64 -0.77 -15.46 17.16
N TYR A 65 -1.29 -15.00 16.02
CA TYR A 65 -2.14 -15.83 15.17
C TYR A 65 -1.38 -17.04 14.65
N ILE A 66 -0.12 -16.85 14.26
CA ILE A 66 0.71 -17.97 13.79
C ILE A 66 0.88 -19.01 14.90
N PHE A 67 1.28 -18.56 16.09
CA PHE A 67 1.55 -19.52 17.17
C PHE A 67 0.30 -20.28 17.57
N ILE A 68 -0.85 -19.61 17.58
N ILE A 68 -0.84 -19.59 17.65
CA ILE A 68 -2.09 -20.29 17.96
CA ILE A 68 -2.06 -20.18 18.19
C ILE A 68 -2.63 -21.13 16.80
C ILE A 68 -2.88 -20.94 17.16
N GLY A 69 -2.48 -20.64 15.57
N GLY A 69 -2.61 -20.74 15.87
CA GLY A 69 -3.14 -21.26 14.42
CA GLY A 69 -3.42 -21.37 14.84
C GLY A 69 -2.45 -22.43 13.75
C GLY A 69 -2.71 -22.46 14.08
N ILE A 70 -1.12 -22.52 13.82
N ILE A 70 -1.39 -22.38 13.96
CA ILE A 70 -0.43 -23.56 13.03
CA ILE A 70 -0.64 -23.28 13.08
C ILE A 70 -0.80 -24.95 13.55
C ILE A 70 -0.83 -24.73 13.49
N GLY A 71 -0.76 -25.15 14.87
N GLY A 71 -1.03 -24.98 14.79
CA GLY A 71 -1.07 -26.45 15.42
CA GLY A 71 -1.24 -26.35 15.24
C GLY A 71 -2.44 -26.96 15.03
C GLY A 71 -2.60 -26.89 14.84
N LEU A 72 -3.44 -26.08 15.00
N LEU A 72 -3.65 -26.09 15.06
CA LEU A 72 -4.78 -26.47 14.60
CA LEU A 72 -4.98 -26.51 14.67
C LEU A 72 -4.83 -26.82 13.12
C LEU A 72 -5.08 -26.78 13.18
N VAL A 73 -4.38 -25.88 12.28
N VAL A 73 -4.36 -26.00 12.38
CA VAL A 73 -4.46 -26.09 10.84
CA VAL A 73 -4.51 -26.12 10.94
C VAL A 73 -3.78 -27.39 10.45
C VAL A 73 -3.74 -27.31 10.39
N PHE A 74 -2.56 -27.62 10.95
CA PHE A 74 -1.87 -28.83 10.55
C PHE A 74 -2.47 -30.08 11.18
N GLY A 75 -3.09 -29.96 12.35
CA GLY A 75 -3.87 -31.06 12.88
C GLY A 75 -4.99 -31.44 11.93
N PHE A 76 -5.71 -30.44 11.41
CA PHE A 76 -6.80 -30.70 10.48
C PHE A 76 -6.28 -31.32 9.19
N ILE A 77 -5.17 -30.80 8.65
CA ILE A 77 -4.60 -31.35 7.42
C ILE A 77 -4.24 -32.82 7.63
N HIS A 78 -3.64 -33.14 8.78
CA HIS A 78 -3.27 -34.52 9.06
C HIS A 78 -4.50 -35.41 9.06
N LYS A 79 -5.55 -35.00 9.75
CA LYS A 79 -6.76 -35.82 9.83
C LYS A 79 -7.45 -35.92 8.49
N LEU A 80 -7.49 -34.81 7.74
CA LEU A 80 -8.03 -34.86 6.39
C LEU A 80 -7.31 -35.91 5.56
N ALA A 81 -5.98 -35.94 5.62
N ALA A 81 -5.98 -35.93 5.62
CA ALA A 81 -5.22 -36.85 4.77
CA ALA A 81 -5.20 -36.83 4.77
C ALA A 81 -5.38 -38.30 5.22
C ALA A 81 -5.44 -38.28 5.16
N VAL A 82 -5.36 -38.54 6.54
N VAL A 82 -5.37 -38.60 6.46
CA VAL A 82 -5.36 -39.92 7.01
CA VAL A 82 -5.38 -40.00 6.86
C VAL A 82 -6.77 -40.48 7.08
C VAL A 82 -6.78 -40.53 7.15
N ASN A 83 -7.74 -39.68 7.52
CA ASN A 83 -9.09 -40.15 7.80
C ASN A 83 -10.08 -39.94 6.65
N VAL A 84 -9.72 -39.16 5.63
CA VAL A 84 -10.65 -38.91 4.53
C VAL A 84 -10.00 -39.25 3.19
N GLN A 85 -8.86 -38.64 2.89
CA GLN A 85 -8.24 -38.90 1.59
C GLN A 85 -7.75 -40.34 1.47
N LEU A 86 -7.07 -40.84 2.51
CA LEU A 86 -6.50 -42.18 2.42
C LEU A 86 -7.56 -43.25 2.20
N PRO A 87 -8.64 -43.30 2.97
CA PRO A 87 -9.66 -44.32 2.70
C PRO A 87 -10.29 -44.19 1.33
N SER A 88 -10.52 -42.97 0.84
CA SER A 88 -11.13 -42.82 -0.48
C SER A 88 -10.20 -43.33 -1.57
N ILE A 89 -8.89 -43.13 -1.40
CA ILE A 89 -7.90 -43.68 -2.33
C ILE A 89 -7.90 -45.20 -2.30
N LEU A 90 -7.92 -45.78 -1.11
CA LEU A 90 -7.97 -47.24 -1.00
C LEU A 90 -9.24 -47.80 -1.62
N SER A 91 -10.36 -47.10 -1.45
N SER A 91 -10.37 -47.11 -1.43
CA SER A 91 -11.63 -47.58 -2.01
CA SER A 91 -11.65 -47.55 -1.99
C SER A 91 -11.59 -47.64 -3.52
C SER A 91 -11.60 -47.61 -3.51
N ASN A 92 -10.87 -46.71 -4.15
N ASN A 92 -10.87 -46.69 -4.15
CA ASN A 92 -10.79 -46.68 -5.61
CA ASN A 92 -10.79 -46.67 -5.61
C ASN A 92 -10.00 -47.85 -6.17
C ASN A 92 -10.00 -47.85 -6.16
N LEU A 93 -9.18 -48.50 -5.34
N LEU A 93 -9.16 -48.49 -5.33
CA LEU A 93 -8.34 -49.61 -5.80
CA LEU A 93 -8.35 -49.61 -5.80
C LEU A 93 -9.10 -50.93 -5.88
C LEU A 93 -9.13 -50.92 -5.87
N VAL A 94 -10.31 -51.00 -5.33
N VAL A 94 -10.34 -50.96 -5.34
CA VAL A 94 -11.07 -52.25 -5.36
CA VAL A 94 -11.13 -52.20 -5.30
C VAL A 94 -12.46 -52.05 -5.96
C VAL A 94 -12.50 -52.03 -5.94
N PRO A 95 -12.71 -52.51 -7.20
N PRO A 95 -12.71 -52.50 -7.18
CA PRO A 95 -14.04 -52.32 -7.79
CA PRO A 95 -14.04 -52.33 -7.80
C PRO A 95 -15.08 -53.14 -7.05
C PRO A 95 -15.08 -53.14 -7.05
N ARG A 96 -16.34 -52.73 -7.19
CA ARG A 96 -17.47 -53.42 -6.56
C ARG A 96 -18.49 -53.91 -7.59
N ALA B 1 10.11 45.51 -12.19
CA ALA B 1 8.87 44.76 -12.22
C ALA B 1 9.16 43.26 -12.26
N LYS B 2 10.41 42.88 -12.57
N LYS B 2 10.39 42.89 -12.61
CA LYS B 2 10.75 41.47 -12.53
CA LYS B 2 10.74 41.48 -12.64
C LYS B 2 10.67 40.92 -11.11
C LYS B 2 10.69 40.87 -11.25
N ASP B 3 10.95 41.76 -10.11
N ASP B 3 11.01 41.65 -10.22
CA ASP B 3 10.90 41.28 -8.73
CA ASP B 3 10.93 41.11 -8.86
C ASP B 3 9.46 41.01 -8.31
C ASP B 3 9.49 40.93 -8.43
N LYS B 4 8.52 41.89 -8.65
N LYS B 4 8.58 41.80 -8.89
CA LYS B 4 7.12 41.61 -8.35
CA LYS B 4 7.17 41.60 -8.56
C LYS B 4 6.62 40.45 -9.21
C LYS B 4 6.58 40.44 -9.35
N GLU B 5 7.05 40.40 -10.47
N GLU B 5 6.93 40.34 -10.64
CA GLU B 5 6.66 39.30 -11.35
CA GLU B 5 6.50 39.18 -11.42
C GLU B 5 7.13 37.96 -10.76
C GLU B 5 7.01 37.89 -10.78
N PHE B 6 8.37 37.89 -10.27
N PHE B 6 8.28 37.90 -10.33
CA PHE B 6 8.86 36.65 -9.66
CA PHE B 6 8.86 36.73 -9.67
C PHE B 6 8.08 36.35 -8.38
C PHE B 6 8.08 36.37 -8.40
N GLN B 7 7.78 37.38 -7.57
CA GLN B 7 7.06 37.11 -6.33
C GLN B 7 5.68 36.52 -6.60
N VAL B 8 4.98 37.06 -7.60
CA VAL B 8 3.65 36.54 -7.91
C VAL B 8 3.72 35.10 -8.39
N LEU B 9 4.67 34.80 -9.30
CA LEU B 9 4.80 33.43 -9.78
C LEU B 9 5.17 32.48 -8.65
N PHE B 10 5.99 32.95 -7.71
CA PHE B 10 6.32 32.12 -6.55
C PHE B 10 5.07 31.78 -5.76
N VAL B 11 4.28 32.81 -5.43
CA VAL B 11 3.05 32.57 -4.67
C VAL B 11 2.15 31.60 -5.41
N LEU B 12 1.96 31.82 -6.71
CA LEU B 12 1.10 30.93 -7.48
C LEU B 12 1.64 29.50 -7.48
N THR B 13 2.97 29.36 -7.55
CA THR B 13 3.55 28.02 -7.58
C THR B 13 3.32 27.31 -6.26
N ILE B 14 3.56 27.99 -5.15
N ILE B 14 3.54 27.98 -5.17
CA ILE B 14 3.35 27.38 -3.85
CA ILE B 14 3.33 27.34 -3.88
C ILE B 14 1.88 27.02 -3.65
C ILE B 14 1.85 26.99 -3.70
N LEU B 15 0.96 27.91 -4.06
CA LEU B 15 -0.46 27.59 -3.93
C LEU B 15 -0.83 26.36 -4.76
N THR B 16 -0.22 26.21 -5.94
CA THR B 16 -0.46 25.03 -6.76
C THR B 16 0.04 23.78 -6.08
N LEU B 17 1.19 23.87 -5.42
CA LEU B 17 1.72 22.72 -4.70
C LEU B 17 0.89 22.38 -3.47
N ILE B 18 0.37 23.40 -2.78
CA ILE B 18 -0.49 23.15 -1.62
C ILE B 18 -1.78 22.47 -2.05
N SER B 19 -2.33 22.84 -3.21
N SER B 19 -2.31 22.81 -3.22
CA SER B 19 -3.52 22.18 -3.73
CA SER B 19 -3.54 22.17 -3.71
C SER B 19 -3.29 20.68 -3.87
C SER B 19 -3.34 20.68 -3.97
N GLY B 20 -2.19 20.30 -4.53
CA GLY B 20 -1.84 18.90 -4.61
C GLY B 20 -1.60 18.26 -3.25
N THR B 21 -0.93 18.98 -2.35
CA THR B 21 -0.69 18.45 -1.02
C THR B 21 -2.02 18.09 -0.34
N ILE B 22 -2.98 19.01 -0.41
CA ILE B 22 -4.29 18.74 0.20
C ILE B 22 -4.97 17.58 -0.48
N PHE B 23 -4.93 17.54 -1.82
CA PHE B 23 -5.66 16.50 -2.50
C PHE B 23 -5.08 15.12 -2.21
N TYR B 24 -3.76 14.98 -2.32
N TYR B 24 -3.76 14.97 -2.36
CA TYR B 24 -3.16 13.65 -2.20
CA TYR B 24 -3.18 13.64 -2.21
C TYR B 24 -3.01 13.19 -0.77
C TYR B 24 -3.23 13.17 -0.76
N SER B 25 -3.06 14.09 0.21
N SER B 25 -3.04 14.10 0.19
N SER B 25 -3.16 14.14 0.20
CA SER B 25 -3.04 13.66 1.59
CA SER B 25 -3.26 13.77 1.60
CA SER B 25 -3.21 13.81 1.61
C SER B 25 -4.41 13.27 2.11
C SER B 25 -4.65 13.17 1.78
C SER B 25 -4.64 13.47 2.02
N THR B 26 -5.50 13.68 1.45
N THR B 26 -5.68 13.96 1.51
CA THR B 26 -6.84 13.39 1.93
CA THR B 26 -7.05 13.57 1.85
C THR B 26 -7.64 12.45 1.04
C THR B 26 -7.46 12.32 1.07
N VAL B 27 -7.34 12.36 -0.25
CA VAL B 27 -7.88 11.30 -1.11
C VAL B 27 -6.98 10.08 -1.17
N GLU B 28 -5.67 10.24 -1.31
CA GLU B 28 -4.76 9.10 -1.41
C GLU B 28 -4.13 8.72 -0.08
N GLY B 29 -4.41 9.48 0.99
N GLY B 29 -4.47 9.43 0.99
CA GLY B 29 -3.97 9.12 2.31
CA GLY B 29 -4.01 9.04 2.32
C GLY B 29 -2.52 9.40 2.64
C GLY B 29 -2.53 9.17 2.53
N LEU B 30 -1.77 10.04 1.74
N LEU B 30 -1.87 10.11 1.87
CA LEU B 30 -0.37 10.31 2.02
CA LEU B 30 -0.45 10.33 2.08
C LEU B 30 -0.23 11.27 3.20
C LEU B 30 -0.24 11.29 3.24
N ARG B 31 0.86 11.12 3.92
CA ARG B 31 1.27 12.15 4.87
C ARG B 31 1.44 13.46 4.12
N PRO B 32 1.06 14.59 4.70
CA PRO B 32 1.25 15.87 3.98
C PRO B 32 2.65 16.08 3.41
N ILE B 33 3.71 15.73 4.14
CA ILE B 33 5.06 15.96 3.60
C ILE B 33 5.29 15.11 2.37
N ASP B 34 4.82 13.87 2.39
CA ASP B 34 4.93 13.00 1.22
C ASP B 34 4.05 13.49 0.08
N ALA B 35 2.88 14.06 0.39
CA ALA B 35 2.02 14.58 -0.66
C ALA B 35 2.65 15.79 -1.32
N LEU B 36 3.34 16.63 -0.54
CA LEU B 36 4.02 17.79 -1.12
C LEU B 36 5.18 17.34 -2.00
N TYR B 37 5.98 16.42 -1.50
CA TYR B 37 7.08 15.85 -2.26
C TYR B 37 6.61 15.20 -3.55
N PHE B 38 5.54 14.42 -3.47
CA PHE B 38 4.97 13.80 -4.66
C PHE B 38 4.49 14.84 -5.66
N SER B 39 3.85 15.91 -5.18
CA SER B 39 3.37 16.95 -6.07
C SER B 39 4.53 17.60 -6.82
N VAL B 40 5.63 17.87 -6.11
CA VAL B 40 6.81 18.47 -6.75
C VAL B 40 7.41 17.51 -7.79
N VAL B 41 7.56 16.24 -7.42
CA VAL B 41 8.18 15.25 -8.30
C VAL B 41 7.32 15.04 -9.54
N THR B 42 6.01 15.23 -9.40
CA THR B 42 5.10 15.12 -10.54
C THR B 42 5.21 16.34 -11.45
N LEU B 43 5.01 17.55 -10.90
CA LEU B 43 4.92 18.72 -11.78
C LEU B 43 6.28 19.13 -12.37
N THR B 44 7.39 18.71 -11.79
CA THR B 44 8.69 18.93 -12.44
C THR B 44 9.02 17.84 -13.46
N THR B 45 8.17 16.82 -13.59
CA THR B 45 8.22 15.69 -14.54
C THR B 45 9.33 14.69 -14.21
N VAL B 46 9.85 14.70 -12.98
CA VAL B 46 10.84 13.71 -12.57
C VAL B 46 10.19 12.33 -12.49
N GLY B 47 9.12 12.21 -11.71
CA GLY B 47 8.30 11.02 -11.66
C GLY B 47 8.99 9.75 -11.20
N TYR B 48 9.58 9.76 -10.00
CA TYR B 48 10.26 8.57 -9.51
C TYR B 48 9.35 7.36 -9.51
N GLY B 49 8.09 7.54 -9.11
CA GLY B 49 7.18 6.44 -8.95
C GLY B 49 7.22 5.78 -7.58
N ASP B 50 7.97 6.35 -6.64
CA ASP B 50 7.92 5.82 -5.27
C ASP B 50 6.55 6.06 -4.66
N PHE B 51 5.90 7.16 -5.05
CA PHE B 51 4.48 7.39 -4.85
C PHE B 51 3.82 7.51 -6.22
N SER B 52 2.58 7.03 -6.32
CA SER B 52 1.75 7.21 -7.51
C SER B 52 0.31 7.01 -7.08
N PRO B 53 -0.65 7.62 -7.77
CA PRO B 53 -2.05 7.49 -7.33
C PRO B 53 -2.55 6.06 -7.52
N GLN B 54 -3.31 5.61 -6.52
CA GLN B 54 -3.89 4.27 -6.52
C GLN B 54 -5.39 4.26 -6.81
N THR B 55 -6.09 5.36 -6.57
CA THR B 55 -7.52 5.39 -6.80
C THR B 55 -7.83 5.96 -8.19
N ASP B 56 -9.00 5.59 -8.72
CA ASP B 56 -9.44 6.15 -10.00
C ASP B 56 -9.60 7.66 -9.89
N PHE B 57 -10.17 8.16 -8.79
CA PHE B 57 -10.31 9.60 -8.58
C PHE B 57 -8.95 10.26 -8.63
N GLY B 58 -7.95 9.65 -7.97
CA GLY B 58 -6.62 10.23 -7.92
C GLY B 58 -5.93 10.20 -9.27
N LYS B 59 -6.18 9.17 -10.08
CA LYS B 59 -5.60 9.14 -11.43
C LYS B 59 -6.21 10.23 -12.31
N ILE B 60 -7.51 10.49 -12.18
N ILE B 60 -7.51 10.47 -12.18
CA ILE B 60 -8.12 11.54 -12.99
CA ILE B 60 -8.17 11.52 -12.95
C ILE B 60 -7.65 12.91 -12.52
C ILE B 60 -7.65 12.89 -12.51
N PHE B 61 -7.57 13.11 -11.19
CA PHE B 61 -7.05 14.38 -10.71
C PHE B 61 -5.63 14.59 -11.20
N THR B 62 -4.82 13.53 -11.20
CA THR B 62 -3.42 13.66 -11.61
C THR B 62 -3.29 14.08 -13.07
N ILE B 63 -4.17 13.55 -13.94
CA ILE B 63 -4.16 13.98 -15.33
C ILE B 63 -4.38 15.48 -15.42
N LEU B 64 -5.41 15.99 -14.73
CA LEU B 64 -5.71 17.42 -14.78
C LEU B 64 -4.61 18.25 -14.14
N TYR B 65 -4.10 17.79 -13.01
CA TYR B 65 -3.07 18.51 -12.26
C TYR B 65 -1.80 18.67 -13.10
N ILE B 66 -1.39 17.62 -13.79
CA ILE B 66 -0.21 17.71 -14.66
C ILE B 66 -0.41 18.78 -15.74
N PHE B 67 -1.55 18.72 -16.43
CA PHE B 67 -1.73 19.66 -17.54
C PHE B 67 -1.82 21.10 -17.06
N ILE B 68 -2.45 21.32 -15.90
CA ILE B 68 -2.64 22.68 -15.42
C ILE B 68 -1.40 23.19 -14.72
N GLY B 69 -0.61 22.31 -14.13
CA GLY B 69 0.48 22.73 -13.27
C GLY B 69 1.84 22.85 -13.91
N ILE B 70 2.10 22.03 -14.94
N ILE B 70 2.11 22.07 -14.97
CA ILE B 70 3.44 22.02 -15.56
CA ILE B 70 3.47 22.07 -15.46
C ILE B 70 3.82 23.39 -16.09
C ILE B 70 3.83 23.42 -16.08
N GLY B 71 2.90 24.07 -16.80
CA GLY B 71 3.22 25.36 -17.38
C GLY B 71 3.61 26.39 -16.33
N LEU B 72 2.91 26.40 -15.19
CA LEU B 72 3.24 27.34 -14.13
C LEU B 72 4.58 27.00 -13.49
N VAL B 73 4.81 25.73 -13.21
CA VAL B 73 6.04 25.33 -12.52
C VAL B 73 7.24 25.60 -13.41
N PHE B 74 7.15 25.30 -14.68
CA PHE B 74 8.33 25.60 -15.51
C PHE B 74 8.44 27.08 -15.84
N GLY B 75 7.34 27.82 -15.87
CA GLY B 75 7.46 29.26 -15.94
C GLY B 75 8.20 29.84 -14.74
N PHE B 76 7.91 29.31 -13.55
CA PHE B 76 8.60 29.73 -12.34
C PHE B 76 10.09 29.40 -12.41
N ILE B 77 10.41 28.17 -12.82
CA ILE B 77 11.81 27.76 -12.88
C ILE B 77 12.57 28.66 -13.85
N HIS B 78 11.94 28.99 -14.99
CA HIS B 78 12.59 29.88 -15.94
C HIS B 78 12.87 31.25 -15.33
N LYS B 79 11.88 31.83 -14.66
CA LYS B 79 12.08 33.15 -14.05
C LYS B 79 13.11 33.09 -12.93
N LEU B 80 13.09 32.01 -12.13
CA LEU B 80 14.12 31.83 -11.11
C LEU B 80 15.50 31.83 -11.74
N ALA B 81 15.65 31.09 -12.83
CA ALA B 81 16.96 30.93 -13.46
C ALA B 81 17.45 32.23 -14.06
N VAL B 82 16.59 32.94 -14.77
CA VAL B 82 17.08 34.09 -15.53
C VAL B 82 17.04 35.38 -14.74
N ASN B 83 16.14 35.53 -13.78
CA ASN B 83 16.01 36.78 -13.06
C ASN B 83 16.57 36.76 -11.63
N VAL B 84 16.90 35.59 -11.11
CA VAL B 84 17.46 35.48 -9.76
C VAL B 84 18.83 34.82 -9.84
N GLN B 85 18.90 33.62 -10.40
CA GLN B 85 20.17 32.89 -10.39
C GLN B 85 21.20 33.57 -11.29
N LEU B 86 20.84 33.92 -12.51
CA LEU B 86 21.83 34.48 -13.42
C LEU B 86 22.43 35.78 -12.88
N PRO B 87 21.66 36.76 -12.43
CA PRO B 87 22.29 37.95 -11.85
C PRO B 87 23.17 37.63 -10.65
N SER B 88 22.77 36.65 -9.82
CA SER B 88 23.58 36.27 -8.67
C SER B 88 24.91 35.71 -9.13
N ILE B 89 24.90 34.87 -10.18
CA ILE B 89 26.14 34.30 -10.70
C ILE B 89 27.05 35.41 -11.20
N LEU B 90 26.51 36.30 -12.03
N LEU B 90 26.50 36.34 -11.99
CA LEU B 90 27.29 37.38 -12.61
CA LEU B 90 27.30 37.43 -12.51
C LEU B 90 27.98 38.20 -11.52
C LEU B 90 27.87 38.29 -11.40
N SER B 91 27.21 38.62 -10.52
N SER B 91 27.13 38.49 -10.30
CA SER B 91 27.77 39.47 -9.47
CA SER B 91 27.67 39.23 -9.18
C SER B 91 28.92 38.78 -8.74
C SER B 91 28.81 38.47 -8.51
N ASN B 92 28.83 37.47 -8.57
N ASN B 92 28.73 37.14 -8.49
CA ASN B 92 29.84 36.69 -7.84
CA ASN B 92 29.78 36.33 -7.87
C ASN B 92 31.01 36.28 -8.73
C ASN B 92 31.03 36.24 -8.74
N LEU B 93 31.00 36.68 -10.00
CA LEU B 93 32.15 36.57 -10.88
C LEU B 93 32.91 37.87 -11.04
N VAL B 94 32.49 38.94 -10.39
CA VAL B 94 33.19 40.23 -10.45
C VAL B 94 34.50 40.13 -9.67
N PRO B 95 35.65 40.49 -10.26
N PRO B 95 35.66 40.36 -10.32
CA PRO B 95 36.88 40.51 -9.48
CA PRO B 95 36.93 40.38 -9.56
C PRO B 95 37.00 41.75 -8.61
C PRO B 95 37.09 41.67 -8.79
N ARG B 96 37.64 41.56 -7.46
N ARG B 96 37.09 41.59 -7.47
CA ARG B 96 38.00 42.67 -6.57
CA ARG B 96 37.12 42.78 -6.62
C ARG B 96 39.47 42.50 -6.20
C ARG B 96 38.45 42.89 -5.89
#